data_7LMS
#
_entry.id   7LMS
#
loop_
_entity.id
_entity.type
_entity.pdbx_description
1 polymer 'Protease 2A'
2 polymer 'Actin-histidine N-methyltransferase'
3 non-polymer 'ZINC ION'
4 non-polymer S-ADENOSYL-L-HOMOCYSTEINE
#
loop_
_entity_poly.entity_id
_entity_poly.type
_entity_poly.pdbx_seq_one_letter_code
_entity_poly.pdbx_strand_id
1 'polypeptide(L)'
;SNAMGQQSGAVYVGNYRVVNRHLATSADWQNCVWESYNRDLLVSTTTAHGCDIIARCQCTTGVYFCASKNKHYPISFEGP
GLVEVQESEYYPRRYQSHVLLAAGFSEPGDAGGILRCEHGVIGIVTMGGEGVVGFADIRDLLWLEDDAMEQ
;
B
2 'polypeptide(L)'
;SNAGKKSRVKTQKSGTGATATVSPKEILNLTSELLQKCSSPAPGPGKEWEEYVQIRTLVEKIRKKQKGLSVTFDGKREDY
FPDLMKWASENGASVEGFEMVNFKEEGFGLRATRDIKAEELFLWVPRKLLMTVESAKNSVLGPLYSQDRILQAMGNIALA
FHLLCERASPNSFWQPYIQTLPSEYDTPLYFEEDEVRYLQSTQAIHDVFSQYKNTARQYAYFYKVIQTHPHANKLPLKDS
FTYEDYRWAVSSVMTRQNQIPTEDGSRVTLALIPLWDMCNHTNGLITTGYNLEDDRCECVALQDFRAGEQIYIFYGTRSN
AEFVIHSGFFFDNNSHDRVKIKLGVSKSDRLYAMKAEVLARAGIPTSSVFALHFTEPPISAQLLAFLRVFCMTEEELKEH
LLGDSAIDRIFTLGNSEFPVSWDNEVKLWTFLEDRASLLLKTYKTTIEEDKSVLKNHDLSVRAKMAIKLRLGEKEILEKA
VKSAAVNREYYRQQMEEKAPLPKYEESNLGLLESSVGDSRLPLVLRNLEEEAGVQDALNIREAISKAKATENGLVNGENS
IPNGTRSENESLNQESKRAVEDAKGSSSDSTAGVKE
;
A
#
loop_
_chem_comp.id
_chem_comp.type
_chem_comp.name
_chem_comp.formula
ZN non-polymer 'ZINC ION' 'Zn 2'
#
# COMPACT_ATOMS: atom_id res chain seq x y z
N SER A 8 -15.25 13.27 -14.84
CA SER A 8 -16.07 13.44 -16.04
C SER A 8 -16.76 12.14 -16.49
N GLY A 9 -16.62 11.06 -15.74
CA GLY A 9 -17.20 9.75 -16.03
C GLY A 9 -16.48 8.92 -17.10
N ALA A 10 -15.35 9.41 -17.63
CA ALA A 10 -14.58 8.77 -18.69
C ALA A 10 -13.12 9.24 -18.68
N VAL A 11 -12.21 8.49 -19.30
CA VAL A 11 -10.77 8.82 -19.35
C VAL A 11 -10.37 9.24 -20.76
N TYR A 12 -9.75 10.41 -20.90
CA TYR A 12 -9.41 11.03 -22.19
C TYR A 12 -7.89 11.10 -22.35
N VAL A 13 -7.31 10.25 -23.19
CA VAL A 13 -5.86 10.15 -23.41
C VAL A 13 -5.54 10.19 -24.89
N GLY A 14 -4.62 11.08 -25.33
CA GLY A 14 -4.31 11.16 -26.74
C GLY A 14 -5.60 11.50 -27.44
N ASN A 15 -5.93 10.72 -28.47
CA ASN A 15 -7.17 10.92 -29.20
C ASN A 15 -8.21 9.82 -28.92
N TYR A 16 -8.14 9.21 -27.75
CA TYR A 16 -9.11 8.18 -27.39
C TYR A 16 -9.86 8.45 -26.09
N ARG A 17 -11.08 7.99 -26.04
CA ARG A 17 -11.86 8.07 -24.83
C ARG A 17 -12.19 6.69 -24.34
N VAL A 18 -11.87 6.38 -23.09
CA VAL A 18 -12.14 5.07 -22.49
C VAL A 18 -13.38 5.20 -21.61
N VAL A 19 -14.37 4.32 -21.79
CA VAL A 19 -15.61 4.30 -21.02
C VAL A 19 -15.95 2.89 -20.57
N ASN A 20 -16.73 2.74 -19.50
CA ASN A 20 -17.37 1.46 -19.22
C ASN A 20 -18.24 1.09 -20.42
N ARG A 21 -18.07 -0.13 -20.93
CA ARG A 21 -18.74 -0.57 -22.11
C ARG A 21 -20.24 -0.47 -21.96
N HIS A 22 -20.77 -0.82 -20.80
CA HIS A 22 -22.23 -0.76 -20.68
C HIS A 22 -22.80 0.66 -20.58
N LEU A 23 -21.98 1.68 -20.36
CA LEU A 23 -22.40 3.09 -20.34
C LEU A 23 -22.26 3.74 -21.72
N ALA A 24 -21.78 2.99 -22.70
CA ALA A 24 -21.45 3.51 -24.01
C ALA A 24 -22.67 3.94 -24.80
N THR A 25 -22.48 4.92 -25.67
CA THR A 25 -23.56 5.33 -26.57
C THR A 25 -23.29 4.99 -28.01
N SER A 26 -24.25 5.30 -28.88
CA SER A 26 -24.12 4.92 -30.28
C SER A 26 -22.93 5.58 -30.94
N ALA A 27 -22.58 6.76 -30.48
CA ALA A 27 -21.45 7.50 -30.99
C ALA A 27 -20.14 6.76 -30.74
N ASP A 28 -20.08 6.00 -29.64
CA ASP A 28 -18.83 5.36 -29.29
C ASP A 28 -18.73 4.11 -30.09
N TRP A 29 -19.86 3.50 -30.35
CA TRP A 29 -19.80 2.32 -31.15
C TRP A 29 -19.37 2.67 -32.57
N GLN A 30 -19.86 3.80 -33.08
CA GLN A 30 -19.49 4.23 -34.42
C GLN A 30 -18.00 4.55 -34.53
N ASN A 31 -17.44 5.06 -33.45
CA ASN A 31 -16.03 5.40 -33.42
C ASN A 31 -15.19 4.40 -32.65
N CYS A 32 -15.72 3.20 -32.44
CA CYS A 32 -15.00 2.17 -31.70
C CYS A 32 -13.75 1.71 -32.37
N VAL A 33 -12.67 1.65 -31.61
CA VAL A 33 -11.44 1.12 -32.14
C VAL A 33 -11.10 -0.18 -31.46
N TRP A 34 -11.59 -0.34 -30.26
CA TRP A 34 -11.33 -1.54 -29.50
C TRP A 34 -12.38 -1.75 -28.45
N GLU A 35 -12.70 -3.00 -28.15
CA GLU A 35 -13.63 -3.24 -27.08
C GLU A 35 -13.28 -4.56 -26.43
N SER A 36 -13.69 -4.71 -25.19
CA SER A 36 -13.56 -5.98 -24.53
C SER A 36 -14.72 -6.30 -23.62
N TYR A 37 -15.47 -7.32 -24.00
CA TYR A 37 -16.62 -7.74 -23.25
C TYR A 37 -16.22 -8.09 -21.84
N ASN A 38 -15.15 -8.84 -21.74
CA ASN A 38 -14.66 -9.41 -20.50
C ASN A 38 -14.09 -8.39 -19.53
N ARG A 39 -13.90 -7.15 -19.98
CA ARG A 39 -13.36 -6.14 -19.09
C ARG A 39 -14.34 -5.01 -18.89
N ASP A 40 -15.53 -5.09 -19.49
CA ASP A 40 -16.45 -3.95 -19.47
C ASP A 40 -15.82 -2.68 -20.03
N LEU A 41 -14.99 -2.75 -21.07
CA LEU A 41 -14.37 -1.55 -21.63
C LEU A 41 -14.76 -1.32 -23.08
N LEU A 42 -14.91 -0.04 -23.42
CA LEU A 42 -15.03 0.39 -24.80
C LEU A 42 -14.15 1.59 -25.07
N VAL A 43 -13.36 1.52 -26.14
CA VAL A 43 -12.53 2.64 -26.49
C VAL A 43 -12.95 3.17 -27.83
N SER A 44 -13.24 4.46 -27.87
CA SER A 44 -13.65 5.17 -29.07
C SER A 44 -12.73 6.35 -29.30
N THR A 45 -12.69 6.87 -30.53
CA THR A 45 -11.85 8.04 -30.77
C THR A 45 -12.46 9.35 -30.36
N THR A 46 -11.60 10.36 -30.26
CA THR A 46 -11.98 11.73 -29.99
C THR A 46 -11.44 12.60 -31.10
N THR A 47 -11.87 13.85 -31.13
CA THR A 47 -11.35 14.78 -32.12
C THR A 47 -10.37 15.75 -31.51
N ALA A 48 -10.42 15.88 -30.19
CA ALA A 48 -9.56 16.76 -29.46
C ALA A 48 -8.57 15.94 -28.69
N HIS A 49 -7.42 16.53 -28.42
CA HIS A 49 -6.43 15.85 -27.63
C HIS A 49 -6.90 15.80 -26.18
N GLY A 50 -6.66 14.69 -25.52
CA GLY A 50 -7.00 14.51 -24.12
C GLY A 50 -5.99 15.11 -23.15
N CYS A 51 -6.13 14.75 -21.88
CA CYS A 51 -5.31 15.35 -20.83
C CYS A 51 -4.70 14.36 -19.86
N ASP A 52 -5.27 13.15 -19.74
CA ASP A 52 -4.84 12.16 -18.76
C ASP A 52 -3.64 11.34 -19.25
N ILE A 53 -3.09 10.49 -18.39
CA ILE A 53 -1.97 9.59 -18.69
C ILE A 53 -2.24 8.21 -18.08
N ILE A 54 -2.00 7.14 -18.83
CA ILE A 54 -2.09 5.76 -18.32
C ILE A 54 -0.82 5.42 -17.55
N ALA A 55 -0.93 5.23 -16.24
CA ALA A 55 0.23 5.04 -15.38
C ALA A 55 0.92 3.68 -15.62
N ARG A 56 2.24 3.69 -15.77
CA ARG A 56 3.05 2.47 -15.89
C ARG A 56 3.32 1.76 -14.55
N CYS A 57 3.03 2.42 -13.44
CA CYS A 57 3.46 2.01 -12.11
C CYS A 57 2.79 0.74 -11.57
N GLN A 58 3.56 -0.02 -10.80
CA GLN A 58 3.08 -1.20 -10.11
C GLN A 58 2.69 -0.87 -8.70
N CYS A 59 1.65 -0.03 -8.58
CA CYS A 59 1.04 0.42 -7.32
C CYS A 59 -0.09 -0.52 -6.89
N THR A 60 -0.37 -0.52 -5.59
CA THR A 60 -1.54 -1.13 -4.99
C THR A 60 -2.40 -0.10 -4.30
N THR A 61 -2.12 1.20 -4.44
CA THR A 61 -2.78 2.26 -3.68
C THR A 61 -3.07 3.48 -4.54
N GLY A 62 -4.16 4.18 -4.28
CA GLY A 62 -4.55 5.36 -5.04
C GLY A 62 -5.83 5.99 -4.51
N VAL A 63 -6.44 6.88 -5.26
CA VAL A 63 -7.65 7.61 -4.88
C VAL A 63 -8.70 7.51 -5.98
N TYR A 64 -9.99 7.39 -5.64
CA TYR A 64 -11.07 7.40 -6.63
C TYR A 64 -12.22 8.30 -6.26
N PHE A 65 -12.81 8.98 -7.24
CA PHE A 65 -13.98 9.84 -7.02
C PHE A 65 -15.24 9.00 -6.87
N CYS A 66 -15.75 8.89 -5.65
CA CYS A 66 -16.97 8.18 -5.32
C CYS A 66 -18.18 9.12 -5.45
N ALA A 67 -18.85 9.13 -6.59
CA ALA A 67 -19.89 10.11 -6.91
C ALA A 67 -21.11 10.07 -5.97
N SER A 68 -21.43 8.93 -5.36
CA SER A 68 -22.50 8.82 -4.38
C SER A 68 -22.16 9.50 -3.06
N LYS A 69 -20.89 9.80 -2.84
CA LYS A 69 -20.42 10.46 -1.63
C LYS A 69 -19.94 11.87 -1.95
N ASN A 70 -19.57 12.09 -3.21
CA ASN A 70 -18.97 13.30 -3.71
C ASN A 70 -17.67 13.56 -3.02
N LYS A 71 -16.92 12.49 -2.83
CA LYS A 71 -15.62 12.57 -2.18
C LYS A 71 -14.57 11.74 -2.82
N HIS A 72 -13.33 12.11 -2.58
CA HIS A 72 -12.21 11.34 -3.08
C HIS A 72 -11.62 10.51 -1.95
N TYR A 73 -11.75 9.18 -2.13
CA TYR A 73 -11.29 8.25 -1.07
C TYR A 73 -9.96 7.56 -1.40
N PRO A 74 -8.99 7.43 -0.45
CA PRO A 74 -7.85 6.61 -0.70
C PRO A 74 -8.26 5.18 -0.52
N ILE A 75 -7.73 4.27 -1.32
CA ILE A 75 -7.95 2.84 -1.20
C ILE A 75 -6.66 2.08 -1.46
N SER A 76 -6.59 0.88 -0.90
CA SER A 76 -5.53 -0.06 -1.23
C SER A 76 -6.24 -1.13 -2.00
N PHE A 77 -5.63 -1.78 -2.99
CA PHE A 77 -6.31 -2.73 -3.85
C PHE A 77 -5.49 -4.00 -4.13
N GLU A 78 -6.20 -5.12 -4.25
CA GLU A 78 -5.69 -6.38 -4.72
C GLU A 78 -5.46 -6.27 -6.20
N GLY A 79 -4.52 -7.04 -6.72
CA GLY A 79 -4.18 -6.97 -8.12
C GLY A 79 -5.31 -7.41 -9.04
N PRO A 80 -5.10 -7.30 -10.35
CA PRO A 80 -6.08 -7.48 -11.42
C PRO A 80 -6.43 -8.91 -11.72
N GLY A 81 -7.02 -9.57 -10.77
CA GLY A 81 -7.36 -10.97 -10.91
C GLY A 81 -8.74 -11.19 -11.50
N LEU A 82 -9.20 -12.42 -11.41
CA LEU A 82 -10.46 -12.84 -11.97
C LEU A 82 -11.51 -12.81 -10.87
N VAL A 83 -12.55 -11.99 -11.02
CA VAL A 83 -13.52 -11.82 -9.94
C VAL A 83 -14.96 -11.95 -10.37
N GLU A 84 -15.77 -12.56 -9.52
CA GLU A 84 -17.17 -12.69 -9.79
C GLU A 84 -17.87 -11.37 -9.69
N VAL A 85 -18.74 -11.13 -10.63
CA VAL A 85 -19.56 -9.97 -10.70
C VAL A 85 -21.01 -10.43 -10.67
N GLN A 86 -21.80 -9.78 -9.84
CA GLN A 86 -23.17 -10.17 -9.68
C GLN A 86 -24.02 -9.74 -10.85
N GLU A 87 -25.08 -10.50 -11.06
CA GLU A 87 -26.02 -10.24 -12.13
C GLU A 87 -26.74 -8.93 -11.96
N SER A 88 -26.87 -8.22 -13.06
CA SER A 88 -27.55 -6.94 -13.08
C SER A 88 -28.28 -6.75 -14.40
N GLU A 89 -28.79 -5.56 -14.62
CA GLU A 89 -29.45 -5.22 -15.86
C GLU A 89 -28.55 -5.17 -17.10
N TYR A 90 -27.23 -5.16 -16.93
CA TYR A 90 -26.35 -5.16 -18.10
C TYR A 90 -25.66 -6.49 -18.37
N TYR A 91 -25.28 -7.18 -17.32
CA TYR A 91 -24.57 -8.43 -17.47
C TYR A 91 -25.15 -9.54 -16.59
N PRO A 92 -25.05 -10.80 -17.01
CA PRO A 92 -25.39 -12.00 -16.26
C PRO A 92 -24.32 -12.17 -15.24
N ARG A 93 -24.55 -13.02 -14.25
CA ARG A 93 -23.46 -13.27 -13.32
C ARG A 93 -22.33 -13.84 -14.13
N ARG A 94 -21.14 -13.34 -13.90
CA ARG A 94 -19.99 -13.79 -14.65
C ARG A 94 -18.74 -13.42 -13.94
N TYR A 95 -17.63 -13.93 -14.39
CA TYR A 95 -16.39 -13.45 -13.86
C TYR A 95 -15.83 -12.44 -14.83
N GLN A 96 -15.24 -11.37 -14.31
CA GLN A 96 -14.57 -10.37 -15.14
C GLN A 96 -13.10 -10.42 -14.92
N SER A 97 -12.36 -10.24 -15.98
CA SER A 97 -10.92 -10.30 -15.87
C SER A 97 -10.33 -8.94 -15.69
N HIS A 98 -9.11 -8.93 -15.19
CA HIS A 98 -8.37 -7.71 -14.98
C HIS A 98 -9.08 -6.71 -14.10
N VAL A 99 -9.64 -7.15 -12.97
CA VAL A 99 -10.33 -6.22 -12.08
C VAL A 99 -9.66 -6.09 -10.73
N LEU A 100 -9.25 -4.87 -10.40
CA LEU A 100 -8.61 -4.51 -9.14
C LEU A 100 -9.68 -4.47 -8.04
N LEU A 101 -9.40 -4.92 -6.82
CA LEU A 101 -10.41 -4.87 -5.75
C LEU A 101 -10.01 -4.16 -4.48
N ALA A 102 -10.94 -3.39 -3.95
CA ALA A 102 -10.69 -2.75 -2.67
C ALA A 102 -11.91 -2.61 -1.79
N ALA A 103 -11.69 -2.56 -0.50
CA ALA A 103 -12.80 -2.23 0.37
C ALA A 103 -13.14 -0.80 0.05
N GLY A 104 -14.41 -0.46 0.01
CA GLY A 104 -14.77 0.92 -0.26
C GLY A 104 -16.26 1.10 -0.47
N PHE A 105 -16.61 2.25 -1.02
CA PHE A 105 -18.00 2.57 -1.20
C PHE A 105 -18.33 2.64 -2.66
N SER A 106 -19.32 1.86 -3.07
CA SER A 106 -19.74 1.88 -4.45
C SER A 106 -21.18 1.46 -4.62
N GLU A 107 -21.90 2.35 -5.25
CA GLU A 107 -23.30 2.19 -5.62
C GLU A 107 -23.33 2.18 -7.14
N PRO A 108 -24.37 1.69 -7.80
CA PRO A 108 -24.46 1.69 -9.25
C PRO A 108 -24.19 3.04 -9.92
N GLY A 109 -24.46 4.14 -9.23
CA GLY A 109 -24.20 5.46 -9.80
C GLY A 109 -22.73 5.82 -9.83
N ASP A 110 -21.88 5.06 -9.14
CA ASP A 110 -20.44 5.28 -9.06
C ASP A 110 -19.70 4.70 -10.26
N ALA A 111 -20.36 3.89 -11.11
CA ALA A 111 -19.77 3.42 -12.36
C ALA A 111 -19.25 4.59 -13.21
N GLY A 112 -18.08 4.44 -13.81
CA GLY A 112 -17.38 5.51 -14.53
C GLY A 112 -16.48 6.41 -13.66
N GLY A 113 -16.51 6.30 -12.33
CA GLY A 113 -15.56 6.98 -11.43
C GLY A 113 -14.11 6.53 -11.66
N ILE A 114 -13.14 7.44 -11.59
CA ILE A 114 -11.77 7.20 -12.07
C ILE A 114 -10.82 6.97 -10.90
N LEU A 115 -9.97 5.95 -10.96
CA LEU A 115 -8.95 5.64 -9.95
C LEU A 115 -7.58 6.12 -10.41
N ARG A 116 -6.91 6.92 -9.58
CA ARG A 116 -5.64 7.61 -9.86
C ARG A 116 -4.60 7.32 -8.79
N CYS A 117 -3.33 7.31 -9.15
CA CYS A 117 -2.24 7.48 -8.20
C CYS A 117 -1.34 8.62 -8.70
N GLU A 118 -0.33 9.01 -7.95
CA GLU A 118 0.57 10.11 -8.31
C GLU A 118 1.32 9.92 -9.64
N HIS A 119 1.29 8.72 -10.22
CA HIS A 119 1.84 8.44 -11.55
C HIS A 119 0.85 8.64 -12.70
N GLY A 120 -0.46 8.75 -12.47
CA GLY A 120 -1.48 8.81 -13.51
C GLY A 120 -2.75 8.00 -13.21
N VAL A 121 -3.56 7.73 -14.24
CA VAL A 121 -4.77 6.89 -14.15
C VAL A 121 -4.40 5.41 -14.11
N ILE A 122 -5.14 4.63 -13.34
CA ILE A 122 -5.00 3.18 -13.20
C ILE A 122 -6.21 2.43 -13.76
N GLY A 123 -7.44 2.89 -13.49
CA GLY A 123 -8.64 2.14 -13.86
C GLY A 123 -9.93 2.89 -13.58
N ILE A 124 -11.07 2.29 -13.90
CA ILE A 124 -12.38 2.91 -13.85
C ILE A 124 -13.35 2.01 -13.09
N VAL A 125 -14.23 2.55 -12.24
CA VAL A 125 -15.20 1.77 -11.47
C VAL A 125 -16.11 0.98 -12.42
N THR A 126 -16.10 -0.35 -12.29
CA THR A 126 -16.90 -1.28 -13.08
C THR A 126 -17.83 -2.11 -12.21
N MET A 127 -17.52 -2.34 -10.93
CA MET A 127 -18.37 -3.23 -10.12
C MET A 127 -18.46 -2.73 -8.72
N GLY A 128 -19.49 -3.15 -8.01
CA GLY A 128 -19.54 -2.77 -6.62
C GLY A 128 -20.71 -3.36 -5.87
N GLY A 129 -20.85 -2.89 -4.63
CA GLY A 129 -21.86 -3.32 -3.70
C GLY A 129 -21.26 -4.10 -2.54
N GLU A 130 -21.97 -4.08 -1.41
CA GLU A 130 -21.60 -4.80 -0.20
C GLU A 130 -20.18 -4.54 0.33
N GLY A 131 -19.73 -3.31 0.28
CA GLY A 131 -18.43 -2.93 0.83
C GLY A 131 -17.23 -3.07 -0.10
N VAL A 132 -17.41 -3.59 -1.30
CA VAL A 132 -16.26 -3.74 -2.18
C VAL A 132 -16.46 -3.03 -3.49
N VAL A 133 -15.44 -2.30 -3.89
CA VAL A 133 -15.44 -1.57 -5.13
C VAL A 133 -14.39 -2.14 -6.04
N GLY A 134 -14.76 -2.39 -7.30
CA GLY A 134 -13.85 -2.98 -8.27
C GLY A 134 -13.71 -2.17 -9.54
N PHE A 135 -12.46 -2.06 -10.00
CA PHE A 135 -12.05 -1.22 -11.10
C PHE A 135 -11.51 -2.04 -12.25
N ALA A 136 -11.99 -1.77 -13.46
CA ALA A 136 -11.37 -2.33 -14.66
C ALA A 136 -9.98 -1.71 -14.81
N ASP A 137 -8.92 -2.49 -14.69
CA ASP A 137 -7.56 -2.01 -14.86
C ASP A 137 -7.35 -1.61 -16.33
N ILE A 138 -6.84 -0.41 -16.59
CA ILE A 138 -6.50 0.06 -17.95
C ILE A 138 -5.00 0.27 -18.13
N ARG A 139 -4.18 -0.12 -17.15
CA ARG A 139 -2.72 0.09 -17.23
C ARG A 139 -2.03 -0.57 -18.42
N ASP A 140 -2.56 -1.63 -19.04
CA ASP A 140 -1.86 -2.24 -20.14
C ASP A 140 -2.37 -1.81 -21.51
N LEU A 141 -3.25 -0.81 -21.57
CA LEU A 141 -3.71 -0.38 -22.88
C LEU A 141 -2.72 0.67 -23.35
N LEU A 142 -1.53 0.20 -23.65
CA LEU A 142 -0.38 1.01 -23.96
C LEU A 142 -0.60 1.86 -25.18
N TRP A 143 -1.35 1.31 -26.12
CA TRP A 143 -1.67 1.93 -27.39
C TRP A 143 -2.53 3.18 -27.26
N LEU A 144 -3.03 3.46 -26.06
CA LEU A 144 -3.81 4.67 -25.88
C LEU A 144 -2.89 5.87 -25.95
N GLU A 145 -1.60 5.67 -25.70
CA GLU A 145 -0.64 6.76 -25.70
C GLU A 145 0.01 7.10 -27.08
N PRO B 24 33.50 18.46 8.67
CA PRO B 24 32.85 17.90 7.48
C PRO B 24 33.68 16.93 6.67
N LYS B 25 34.99 16.87 6.88
CA LYS B 25 35.74 15.96 6.05
C LYS B 25 35.39 14.51 6.36
N GLU B 26 35.17 14.22 7.65
CA GLU B 26 34.88 12.85 8.05
C GLU B 26 33.56 12.43 7.50
N ILE B 27 32.62 13.37 7.49
CA ILE B 27 31.30 13.02 7.04
C ILE B 27 31.35 12.81 5.55
N LEU B 28 32.01 13.69 4.80
CA LEU B 28 32.08 13.51 3.36
C LEU B 28 32.82 12.26 2.98
N ASN B 29 33.89 11.91 3.70
CA ASN B 29 34.60 10.70 3.33
C ASN B 29 33.76 9.45 3.55
N LEU B 30 33.05 9.41 4.68
CA LEU B 30 32.21 8.26 4.98
C LEU B 30 30.96 8.26 4.15
N THR B 31 30.46 9.43 3.82
CA THR B 31 29.25 9.54 3.03
C THR B 31 29.52 8.94 1.66
N SER B 32 30.68 9.27 1.08
CA SER B 32 31.02 8.72 -0.21
C SER B 32 31.13 7.21 -0.11
N GLU B 33 31.78 6.69 0.95
CA GLU B 33 31.90 5.25 1.13
C GLU B 33 30.53 4.58 1.20
N LEU B 34 29.61 5.18 1.93
CA LEU B 34 28.29 4.64 2.06
C LEU B 34 27.58 4.61 0.75
N LEU B 35 27.65 5.68 -0.01
CA LEU B 35 26.94 5.69 -1.26
C LEU B 35 27.53 4.62 -2.17
N GLN B 36 28.85 4.50 -2.19
CA GLN B 36 29.46 3.51 -3.05
C GLN B 36 29.10 2.08 -2.66
N LYS B 37 29.00 1.80 -1.37
CA LYS B 37 28.66 0.46 -0.92
C LYS B 37 27.18 0.11 -1.05
N CYS B 38 26.32 1.04 -0.66
CA CYS B 38 24.90 0.75 -0.71
C CYS B 38 24.32 0.78 -2.11
N SER B 39 25.02 1.37 -3.07
CA SER B 39 24.53 1.37 -4.44
C SER B 39 24.70 0.00 -5.12
N SER B 40 25.50 -0.90 -4.53
CA SER B 40 25.74 -2.23 -5.10
C SER B 40 24.47 -3.10 -5.11
N PRO B 41 24.28 -4.00 -6.10
CA PRO B 41 23.19 -4.96 -6.22
C PRO B 41 23.33 -6.00 -5.13
N ALA B 42 22.22 -6.64 -4.74
CA ALA B 42 22.29 -7.65 -3.68
C ALA B 42 23.19 -8.81 -4.07
N PRO B 43 23.94 -9.40 -3.12
CA PRO B 43 24.84 -10.54 -3.29
C PRO B 43 24.14 -11.89 -3.40
N GLY B 44 22.84 -11.90 -3.15
CA GLY B 44 22.08 -13.12 -3.10
C GLY B 44 21.91 -13.50 -1.63
N PRO B 45 21.00 -14.43 -1.31
CA PRO B 45 20.57 -14.80 0.02
C PRO B 45 21.64 -15.32 0.97
N GLY B 46 22.72 -15.89 0.46
CA GLY B 46 23.71 -16.40 1.40
C GLY B 46 24.38 -15.29 2.20
N LYS B 47 24.37 -14.08 1.66
CA LYS B 47 25.02 -12.97 2.29
C LYS B 47 24.05 -11.86 2.63
N GLU B 48 22.76 -12.14 2.62
CA GLU B 48 21.83 -11.05 2.84
C GLU B 48 21.95 -10.45 4.24
N TRP B 49 22.10 -11.29 5.26
CA TRP B 49 22.27 -10.78 6.60
C TRP B 49 23.55 -9.98 6.66
N GLU B 50 24.58 -10.52 6.01
CA GLU B 50 25.89 -9.89 6.03
C GLU B 50 25.88 -8.53 5.41
N GLU B 51 25.17 -8.38 4.29
CA GLU B 51 25.10 -7.08 3.68
C GLU B 51 24.48 -6.10 4.64
N TYR B 52 23.39 -6.50 5.28
CA TYR B 52 22.69 -5.63 6.20
C TYR B 52 23.56 -5.13 7.32
N VAL B 53 24.26 -6.03 8.00
CA VAL B 53 25.04 -5.56 9.12
C VAL B 53 26.22 -4.71 8.68
N GLN B 54 26.75 -4.90 7.47
CA GLN B 54 27.82 -4.02 7.04
C GLN B 54 27.33 -2.60 6.83
N ILE B 55 26.14 -2.46 6.24
CA ILE B 55 25.62 -1.12 6.04
C ILE B 55 25.25 -0.58 7.39
N ARG B 56 24.59 -1.37 8.20
CA ARG B 56 24.23 -0.88 9.51
C ARG B 56 25.45 -0.37 10.27
N THR B 57 26.57 -1.09 10.23
CA THR B 57 27.76 -0.65 10.92
C THR B 57 28.25 0.68 10.41
N LEU B 58 28.30 0.82 9.09
CA LEU B 58 28.78 2.06 8.52
C LEU B 58 27.85 3.22 8.81
N VAL B 59 26.55 2.98 8.78
CA VAL B 59 25.62 4.04 9.07
C VAL B 59 25.83 4.51 10.49
N GLU B 60 26.01 3.60 11.43
CA GLU B 60 26.28 4.02 12.79
C GLU B 60 27.61 4.76 12.90
N LYS B 61 28.64 4.34 12.19
CA LYS B 61 29.89 5.09 12.27
C LYS B 61 29.64 6.56 11.92
N ILE B 62 28.80 6.79 10.90
CA ILE B 62 28.48 8.15 10.52
C ILE B 62 27.62 8.83 11.53
N ARG B 63 26.56 8.17 11.97
CA ARG B 63 25.65 8.79 12.90
C ARG B 63 26.36 9.17 14.19
N LYS B 64 27.28 8.34 14.64
CA LYS B 64 28.06 8.52 15.85
C LYS B 64 28.84 9.82 15.87
N LYS B 65 29.23 10.31 14.71
CA LYS B 65 30.02 11.53 14.64
C LYS B 65 29.21 12.80 14.52
N GLN B 66 27.89 12.67 14.50
CA GLN B 66 27.00 13.79 14.35
C GLN B 66 26.32 14.07 15.66
N LYS B 67 25.79 15.26 15.83
CA LYS B 67 25.13 15.65 17.07
C LYS B 67 23.70 15.17 17.26
N GLY B 68 23.16 14.45 16.29
CA GLY B 68 21.77 14.05 16.40
C GLY B 68 20.94 15.08 15.70
N LEU B 69 19.72 15.33 16.17
CA LEU B 69 18.84 16.24 15.46
C LEU B 69 19.38 17.65 15.50
N SER B 70 19.27 18.36 14.38
CA SER B 70 19.72 19.74 14.29
C SER B 70 18.81 20.67 15.05
N VAL B 71 17.53 20.37 15.04
CA VAL B 71 16.58 21.19 15.74
C VAL B 71 15.85 20.41 16.75
N THR B 72 15.96 20.85 17.99
CA THR B 72 15.29 20.23 19.09
C THR B 72 14.48 21.26 19.79
N PHE B 73 13.57 20.82 20.62
CA PHE B 73 12.75 21.76 21.35
C PHE B 73 12.87 21.37 22.80
N ASP B 74 12.79 22.31 23.71
CA ASP B 74 13.02 22.03 25.12
C ASP B 74 11.87 21.51 25.95
N GLY B 75 10.63 21.69 25.51
CA GLY B 75 9.52 21.27 26.33
C GLY B 75 9.19 19.80 26.15
N LYS B 76 8.18 19.35 26.85
CA LYS B 76 7.76 17.98 26.75
C LYS B 76 6.92 17.94 25.52
N ARG B 77 6.82 16.82 24.85
CA ARG B 77 6.00 16.85 23.67
C ARG B 77 4.61 17.37 23.91
N GLU B 78 3.99 16.97 25.01
CA GLU B 78 2.63 17.39 25.28
C GLU B 78 2.45 18.84 25.63
N ASP B 79 3.54 19.54 25.91
CA ASP B 79 3.46 20.93 26.29
C ASP B 79 3.17 21.80 25.11
N TYR B 80 3.25 21.26 23.91
CA TYR B 80 3.03 22.06 22.74
C TYR B 80 1.64 21.81 22.17
N PHE B 81 0.87 20.95 22.79
CA PHE B 81 -0.41 20.72 22.19
C PHE B 81 -1.26 21.97 22.17
N PRO B 82 -1.32 22.81 23.20
CA PRO B 82 -2.14 24.00 23.20
C PRO B 82 -1.84 24.93 22.03
N ASP B 83 -0.62 24.89 21.48
CA ASP B 83 -0.34 25.77 20.36
C ASP B 83 -0.81 25.17 19.09
N LEU B 84 -0.80 23.85 18.98
CA LEU B 84 -1.34 23.24 17.80
C LEU B 84 -2.80 23.53 17.73
N MET B 85 -3.48 23.39 18.85
CA MET B 85 -4.90 23.58 18.83
C MET B 85 -5.25 25.02 18.55
N LYS B 86 -4.49 25.96 19.11
CA LYS B 86 -4.79 27.35 18.84
C LYS B 86 -4.58 27.67 17.37
N TRP B 87 -3.45 27.26 16.84
CA TRP B 87 -3.09 27.54 15.47
C TRP B 87 -4.08 26.96 14.51
N ALA B 88 -4.47 25.73 14.71
CA ALA B 88 -5.41 25.17 13.80
C ALA B 88 -6.76 25.87 13.89
N SER B 89 -7.18 26.32 15.08
CA SER B 89 -8.50 26.92 15.13
C SER B 89 -8.53 28.25 14.39
N GLU B 90 -7.40 28.95 14.35
CA GLU B 90 -7.30 30.22 13.64
C GLU B 90 -7.47 30.10 12.16
N ASN B 91 -7.32 28.90 11.64
CA ASN B 91 -7.38 28.69 10.23
C ASN B 91 -8.63 27.94 9.82
N GLY B 92 -9.59 27.81 10.73
CA GLY B 92 -10.86 27.15 10.40
C GLY B 92 -10.96 25.64 10.56
N ALA B 93 -9.99 25.01 11.23
CA ALA B 93 -10.03 23.56 11.42
C ALA B 93 -10.96 23.21 12.55
N SER B 94 -11.39 21.95 12.61
CA SER B 94 -12.26 21.57 13.71
C SER B 94 -11.48 21.32 14.96
N VAL B 95 -11.83 22.00 16.03
CA VAL B 95 -11.17 21.85 17.31
C VAL B 95 -12.17 21.62 18.42
N GLU B 96 -13.33 21.13 18.06
CA GLU B 96 -14.40 20.97 19.03
C GLU B 96 -14.81 19.54 19.31
N GLY B 97 -14.99 19.23 20.58
CA GLY B 97 -15.51 17.92 20.98
C GLY B 97 -14.49 16.84 21.31
N PHE B 98 -13.20 17.18 21.21
CA PHE B 98 -12.12 16.18 21.48
C PHE B 98 -10.87 16.89 22.01
N GLU B 99 -9.96 16.13 22.63
CA GLU B 99 -8.72 16.71 23.15
C GLU B 99 -7.56 15.76 23.06
N MET B 100 -6.36 16.23 23.43
CA MET B 100 -5.13 15.39 23.33
C MET B 100 -4.80 14.72 24.67
N VAL B 101 -4.63 13.40 24.67
CA VAL B 101 -4.21 12.66 25.87
C VAL B 101 -3.13 11.65 25.53
N ASN B 102 -2.42 11.20 26.55
CA ASN B 102 -1.42 10.16 26.37
C ASN B 102 -1.95 8.79 26.75
N PHE B 103 -2.20 7.91 25.79
CA PHE B 103 -2.73 6.60 26.16
C PHE B 103 -1.53 5.73 26.46
N LYS B 104 -1.56 4.98 27.53
CA LYS B 104 -0.39 4.18 27.84
C LYS B 104 -0.03 3.13 26.80
N GLU B 105 -1.03 2.51 26.23
CA GLU B 105 -0.83 1.45 25.26
C GLU B 105 -0.30 1.88 23.89
N GLU B 106 -0.84 2.95 23.34
CA GLU B 106 -0.44 3.42 22.02
C GLU B 106 0.42 4.67 22.05
N GLY B 107 0.30 5.48 23.08
CA GLY B 107 0.92 6.77 23.08
C GLY B 107 -0.18 7.77 22.80
N PHE B 108 0.18 8.91 22.26
CA PHE B 108 -0.81 9.96 22.12
C PHE B 108 -1.87 9.74 21.09
N GLY B 109 -3.01 10.33 21.38
CA GLY B 109 -4.10 10.29 20.44
C GLY B 109 -5.27 11.09 20.94
N LEU B 110 -6.31 11.09 20.16
CA LEU B 110 -7.46 11.87 20.53
C LEU B 110 -8.41 11.13 21.44
N ARG B 111 -9.03 11.89 22.32
CA ARG B 111 -10.06 11.40 23.20
C ARG B 111 -11.30 12.26 23.05
N ALA B 112 -12.46 11.66 23.08
CA ALA B 112 -13.68 12.46 22.97
C ALA B 112 -13.98 13.24 24.23
N THR B 113 -14.49 14.46 24.08
CA THR B 113 -14.97 15.20 25.25
C THR B 113 -16.48 15.29 25.20
N ARG B 114 -17.04 15.10 24.01
CA ARG B 114 -18.49 15.07 23.90
C ARG B 114 -18.80 13.80 23.16
N ASP B 115 -19.94 13.21 23.40
CA ASP B 115 -20.28 12.00 22.68
C ASP B 115 -20.33 12.27 21.18
N ILE B 116 -19.76 11.35 20.39
CA ILE B 116 -19.73 11.43 18.93
C ILE B 116 -20.45 10.24 18.30
N LYS B 117 -21.30 10.47 17.32
CA LYS B 117 -22.02 9.34 16.71
C LYS B 117 -21.42 8.89 15.41
N ALA B 118 -21.55 7.61 15.11
CA ALA B 118 -20.99 7.10 13.87
C ALA B 118 -21.52 7.88 12.69
N GLU B 119 -20.62 8.14 11.75
CA GLU B 119 -20.82 8.91 10.53
C GLU B 119 -20.97 10.41 10.76
N GLU B 120 -20.84 10.87 12.00
CA GLU B 120 -20.84 12.29 12.26
C GLU B 120 -19.52 12.88 11.85
N LEU B 121 -19.56 14.02 11.20
CA LEU B 121 -18.33 14.68 10.87
C LEU B 121 -17.81 15.32 12.09
N PHE B 122 -16.59 15.02 12.46
CA PHE B 122 -16.10 15.65 13.67
C PHE B 122 -14.81 16.34 13.36
N LEU B 123 -14.16 15.92 12.29
CA LEU B 123 -12.90 16.50 11.97
C LEU B 123 -12.72 16.92 10.54
N TRP B 124 -12.19 18.11 10.36
CA TRP B 124 -11.75 18.52 9.05
C TRP B 124 -10.54 19.40 9.14
N VAL B 125 -9.75 19.38 8.08
CA VAL B 125 -8.55 20.19 7.98
C VAL B 125 -8.46 20.92 6.64
N PRO B 126 -8.55 22.25 6.57
CA PRO B 126 -8.45 23.05 5.36
C PRO B 126 -7.15 22.83 4.66
N ARG B 127 -7.15 22.85 3.34
CA ARG B 127 -5.93 22.67 2.57
C ARG B 127 -4.77 23.55 2.93
N LYS B 128 -5.01 24.80 3.29
CA LYS B 128 -3.86 25.65 3.56
C LYS B 128 -3.00 25.21 4.74
N LEU B 129 -3.49 24.30 5.59
CA LEU B 129 -2.70 23.83 6.71
C LEU B 129 -1.96 22.57 6.41
N LEU B 130 -2.10 22.03 5.21
CA LEU B 130 -1.50 20.76 4.92
C LEU B 130 -0.10 20.88 4.41
N MET B 131 0.71 19.89 4.68
CA MET B 131 2.04 19.93 4.10
C MET B 131 1.99 18.98 2.96
N THR B 132 2.14 19.50 1.76
CA THR B 132 1.96 18.67 0.60
C THR B 132 3.10 18.86 -0.34
N VAL B 133 3.23 17.97 -1.29
CA VAL B 133 4.24 18.18 -2.32
C VAL B 133 3.92 19.42 -3.15
N GLU B 134 2.66 19.66 -3.44
CA GLU B 134 2.32 20.83 -4.22
C GLU B 134 2.82 22.09 -3.55
N SER B 135 2.74 22.14 -2.22
CA SER B 135 3.19 23.31 -1.52
C SER B 135 4.69 23.30 -1.42
N ALA B 136 5.28 22.11 -1.39
CA ALA B 136 6.73 22.00 -1.34
C ALA B 136 7.35 22.66 -2.55
N LYS B 137 6.68 22.54 -3.68
CA LYS B 137 7.16 23.14 -4.92
C LYS B 137 7.37 24.64 -4.82
N ASN B 138 6.64 25.29 -3.93
CA ASN B 138 6.68 26.73 -3.79
C ASN B 138 7.46 27.19 -2.58
N SER B 139 8.08 26.28 -1.87
CA SER B 139 8.81 26.63 -0.67
C SER B 139 10.24 26.83 -1.04
N VAL B 140 11.08 27.07 -0.06
CA VAL B 140 12.48 27.34 -0.31
C VAL B 140 13.15 26.19 -1.08
N LEU B 141 12.55 25.01 -1.04
CA LEU B 141 13.02 23.81 -1.69
C LEU B 141 12.77 23.80 -3.20
N GLY B 142 11.84 24.63 -3.66
CA GLY B 142 11.39 24.68 -5.04
C GLY B 142 12.51 24.57 -6.09
N PRO B 143 13.53 25.44 -6.05
CA PRO B 143 14.65 25.47 -6.97
C PRO B 143 15.45 24.18 -7.03
N LEU B 144 15.39 23.35 -6.00
CA LEU B 144 16.17 22.14 -6.07
C LEU B 144 15.26 21.03 -6.54
N TYR B 145 14.02 21.08 -6.10
CA TYR B 145 13.02 20.10 -6.47
C TYR B 145 12.93 19.96 -7.96
N SER B 146 12.91 21.09 -8.63
CA SER B 146 12.76 21.16 -10.06
C SER B 146 13.95 20.61 -10.84
N GLN B 147 15.08 20.39 -10.19
CA GLN B 147 16.25 19.94 -10.92
C GLN B 147 16.62 18.50 -10.67
N ASP B 148 16.50 18.06 -9.40
CA ASP B 148 16.91 16.69 -9.01
C ASP B 148 15.91 15.63 -9.49
N ARG B 149 16.40 14.51 -10.01
CA ARG B 149 15.55 13.43 -10.48
C ARG B 149 14.80 12.67 -9.40
N ILE B 150 15.40 12.53 -8.22
CA ILE B 150 14.78 11.76 -7.17
C ILE B 150 13.70 12.57 -6.56
N LEU B 151 13.96 13.84 -6.35
CA LEU B 151 12.90 14.62 -5.77
C LEU B 151 11.72 14.66 -6.73
N GLN B 152 11.96 14.68 -8.03
CA GLN B 152 10.85 14.63 -8.96
C GLN B 152 10.12 13.29 -8.93
N ALA B 153 10.87 12.19 -8.89
CA ALA B 153 10.33 10.85 -8.95
C ALA B 153 9.68 10.39 -7.64
N MET B 154 10.26 10.72 -6.48
CA MET B 154 9.79 10.19 -5.22
C MET B 154 9.02 11.19 -4.42
N GLY B 155 7.69 11.08 -4.44
CA GLY B 155 6.82 12.00 -3.71
C GLY B 155 7.18 12.08 -2.24
N ASN B 156 7.52 10.95 -1.60
CA ASN B 156 7.74 10.94 -0.17
C ASN B 156 9.05 11.54 0.23
N ILE B 157 9.96 11.68 -0.70
CA ILE B 157 11.24 12.19 -0.35
C ILE B 157 11.13 13.66 -0.45
N ALA B 158 10.49 14.14 -1.51
CA ALA B 158 10.32 15.56 -1.61
C ALA B 158 9.52 16.06 -0.42
N LEU B 159 8.55 15.29 0.04
CA LEU B 159 7.79 15.73 1.18
C LEU B 159 8.66 15.73 2.44
N ALA B 160 9.51 14.71 2.63
CA ALA B 160 10.35 14.67 3.82
C ALA B 160 11.30 15.86 3.89
N PHE B 161 11.86 16.24 2.74
CA PHE B 161 12.84 17.36 2.70
C PHE B 161 12.10 18.68 2.95
N HIS B 162 10.87 18.79 2.44
CA HIS B 162 10.02 19.97 2.70
C HIS B 162 9.80 20.08 4.21
N LEU B 163 9.49 18.95 4.86
CA LEU B 163 9.32 18.97 6.30
C LEU B 163 10.57 19.42 7.02
N LEU B 164 11.75 18.92 6.63
CA LEU B 164 12.93 19.38 7.33
C LEU B 164 13.19 20.85 7.09
N CYS B 165 12.95 21.33 5.88
CA CYS B 165 13.20 22.73 5.63
C CYS B 165 12.31 23.58 6.49
N GLU B 166 11.07 23.16 6.69
CA GLU B 166 10.20 23.96 7.51
C GLU B 166 10.61 23.84 8.98
N ARG B 167 11.04 22.64 9.42
CA ARG B 167 11.44 22.47 10.82
C ARG B 167 12.56 23.40 11.17
N ALA B 168 13.49 23.54 10.25
CA ALA B 168 14.67 24.34 10.42
C ALA B 168 14.44 25.84 10.25
N SER B 169 13.24 26.26 9.89
CA SER B 169 12.95 27.66 9.68
C SER B 169 12.08 28.18 10.82
N PRO B 170 12.62 29.01 11.72
CA PRO B 170 11.99 29.40 12.96
C PRO B 170 10.73 30.22 12.81
N ASN B 171 10.50 30.84 11.67
CA ASN B 171 9.29 31.61 11.51
C ASN B 171 8.32 30.98 10.54
N SER B 172 8.50 29.71 10.23
CA SER B 172 7.61 29.08 9.27
C SER B 172 6.22 28.87 9.80
N PHE B 173 5.31 28.76 8.86
CA PHE B 173 3.91 28.57 9.14
C PHE B 173 3.60 27.32 9.91
N TRP B 174 4.32 26.26 9.66
CA TRP B 174 4.00 25.03 10.34
C TRP B 174 4.75 24.78 11.63
N GLN B 175 5.43 25.76 12.19
CA GLN B 175 6.07 25.42 13.45
C GLN B 175 5.14 24.82 14.51
N PRO B 176 3.91 25.28 14.73
CA PRO B 176 3.02 24.76 15.74
C PRO B 176 2.69 23.29 15.55
N TYR B 177 2.85 22.77 14.35
CA TYR B 177 2.58 21.37 14.07
C TYR B 177 3.81 20.56 14.18
N ILE B 178 4.89 21.08 13.65
CA ILE B 178 6.12 20.34 13.65
C ILE B 178 6.56 20.10 15.08
N GLN B 179 6.34 21.07 15.93
CA GLN B 179 6.69 20.99 17.33
C GLN B 179 5.92 19.93 18.11
N THR B 180 4.87 19.35 17.56
CA THR B 180 4.17 18.31 18.29
C THR B 180 4.50 16.94 17.76
N LEU B 181 5.41 16.84 16.81
CA LEU B 181 5.78 15.52 16.31
C LEU B 181 6.74 14.90 17.31
N PRO B 182 6.77 13.58 17.46
CA PRO B 182 7.64 12.86 18.33
C PRO B 182 9.03 12.88 17.80
N SER B 183 10.00 12.74 18.69
CA SER B 183 11.39 12.65 18.31
C SER B 183 11.83 11.30 17.82
N GLU B 184 11.05 10.27 18.09
CA GLU B 184 11.42 8.93 17.63
C GLU B 184 10.21 8.14 17.26
N TYR B 185 10.43 7.16 16.42
CA TYR B 185 9.41 6.25 15.96
C TYR B 185 9.82 4.82 16.17
N ASP B 186 8.87 3.92 16.16
CA ASP B 186 9.15 2.51 16.32
C ASP B 186 9.21 1.73 15.00
N THR B 187 9.46 2.41 13.89
CA THR B 187 9.60 1.71 12.63
C THR B 187 11.01 1.10 12.67
N PRO B 188 11.36 0.15 11.80
CA PRO B 188 12.61 -0.56 11.74
C PRO B 188 13.85 0.26 11.65
N LEU B 189 13.75 1.50 11.22
CA LEU B 189 14.95 2.30 11.12
C LEU B 189 15.50 2.65 12.49
N TYR B 190 14.69 2.42 13.54
CA TYR B 190 15.06 2.67 14.91
C TYR B 190 15.32 1.40 15.72
N PHE B 191 15.33 0.25 15.04
CA PHE B 191 15.52 -1.05 15.74
C PHE B 191 16.97 -1.31 16.12
N GLU B 192 17.21 -2.00 17.24
CA GLU B 192 18.53 -2.48 17.60
C GLU B 192 18.84 -3.70 16.78
N GLU B 193 20.10 -3.99 16.58
CA GLU B 193 20.46 -5.13 15.77
C GLU B 193 19.89 -6.42 16.30
N ASP B 194 19.83 -6.53 17.62
CA ASP B 194 19.36 -7.76 18.18
C ASP B 194 17.85 -7.87 18.15
N GLU B 195 17.17 -6.79 17.83
CA GLU B 195 15.73 -6.85 17.76
C GLU B 195 15.40 -7.28 16.35
N VAL B 196 16.20 -6.82 15.39
CA VAL B 196 16.01 -7.20 14.01
C VAL B 196 16.25 -8.66 13.88
N ARG B 197 17.25 -9.15 14.58
CA ARG B 197 17.63 -10.54 14.60
C ARG B 197 16.47 -11.50 14.79
N TYR B 198 15.42 -11.10 15.51
CA TYR B 198 14.33 -12.01 15.76
C TYR B 198 13.58 -12.32 14.49
N LEU B 199 13.72 -11.50 13.48
CA LEU B 199 13.00 -11.70 12.24
C LEU B 199 13.77 -12.55 11.28
N GLN B 200 14.91 -13.05 11.68
CA GLN B 200 15.68 -13.80 10.75
C GLN B 200 14.87 -14.93 10.14
N SER B 201 15.04 -15.06 8.84
CA SER B 201 14.36 -15.99 7.93
C SER B 201 12.87 -15.76 7.75
N THR B 202 12.30 -14.70 8.27
CA THR B 202 10.87 -14.49 8.04
C THR B 202 10.71 -13.77 6.74
N GLN B 203 9.54 -13.76 6.14
CA GLN B 203 9.41 -13.04 4.87
C GLN B 203 9.54 -11.57 5.06
N ALA B 204 9.05 -11.08 6.16
CA ALA B 204 9.08 -9.67 6.45
C ALA B 204 10.47 -9.09 6.42
N ILE B 205 11.49 -9.88 6.73
CA ILE B 205 12.79 -9.28 6.84
C ILE B 205 13.30 -8.83 5.51
N HIS B 206 12.77 -9.35 4.40
CA HIS B 206 13.29 -8.93 3.12
C HIS B 206 12.92 -7.48 2.88
N ASP B 207 11.75 -7.09 3.35
CA ASP B 207 11.27 -5.75 3.15
C ASP B 207 11.97 -4.82 4.13
N VAL B 208 12.32 -5.34 5.30
CA VAL B 208 13.07 -4.55 6.26
C VAL B 208 14.44 -4.24 5.74
N PHE B 209 15.11 -5.22 5.17
CA PHE B 209 16.44 -4.98 4.68
C PHE B 209 16.41 -3.94 3.60
N SER B 210 15.44 -4.02 2.71
CA SER B 210 15.36 -3.04 1.66
C SER B 210 15.11 -1.66 2.24
N GLN B 211 14.16 -1.53 3.17
CA GLN B 211 13.88 -0.23 3.71
C GLN B 211 15.09 0.41 4.30
N TYR B 212 15.85 -0.35 5.07
CA TYR B 212 17.01 0.23 5.69
C TYR B 212 18.01 0.65 4.64
N LYS B 213 18.29 -0.23 3.70
CA LYS B 213 19.27 0.08 2.68
C LYS B 213 18.91 1.29 1.86
N ASN B 214 17.66 1.41 1.45
CA ASN B 214 17.31 2.54 0.64
C ASN B 214 17.39 3.83 1.42
N THR B 215 17.06 3.80 2.70
CA THR B 215 17.12 5.02 3.47
C THR B 215 18.55 5.47 3.55
N ALA B 216 19.47 4.55 3.80
CA ALA B 216 20.85 4.92 3.89
C ALA B 216 21.37 5.49 2.59
N ARG B 217 20.94 4.93 1.46
CA ARG B 217 21.39 5.44 0.18
C ARG B 217 20.90 6.83 -0.08
N GLN B 218 19.65 7.10 0.25
CA GLN B 218 19.10 8.40 0.00
C GLN B 218 19.82 9.44 0.81
N TYR B 219 20.14 9.14 2.06
CA TYR B 219 20.86 10.11 2.82
C TYR B 219 22.17 10.40 2.16
N ALA B 220 22.92 9.37 1.82
CA ALA B 220 24.23 9.65 1.31
C ALA B 220 24.19 10.48 0.05
N TYR B 221 23.26 10.18 -0.82
CA TYR B 221 23.12 10.93 -2.04
C TYR B 221 22.79 12.38 -1.80
N PHE B 222 21.78 12.62 -0.98
CA PHE B 222 21.37 13.99 -0.79
C PHE B 222 22.36 14.78 -0.02
N TYR B 223 23.06 14.18 0.92
CA TYR B 223 24.02 14.96 1.63
C TYR B 223 24.96 15.57 0.62
N LYS B 224 25.45 14.76 -0.32
CA LYS B 224 26.32 15.32 -1.34
C LYS B 224 25.64 16.44 -2.15
N VAL B 225 24.38 16.24 -2.51
CA VAL B 225 23.68 17.26 -3.30
C VAL B 225 23.58 18.57 -2.57
N ILE B 226 23.20 18.56 -1.30
CA ILE B 226 23.10 19.82 -0.58
C ILE B 226 24.44 20.49 -0.47
N GLN B 227 25.47 19.74 -0.20
CA GLN B 227 26.77 20.35 -0.09
C GLN B 227 27.29 20.96 -1.40
N THR B 228 26.94 20.38 -2.57
CA THR B 228 27.47 20.90 -3.84
C THR B 228 26.53 21.65 -4.78
N HIS B 229 25.28 21.25 -4.91
CA HIS B 229 24.41 21.83 -5.92
C HIS B 229 24.12 23.29 -5.63
N PRO B 230 24.27 24.22 -6.57
CA PRO B 230 24.09 25.63 -6.33
C PRO B 230 22.69 26.05 -5.93
N HIS B 231 21.68 25.25 -6.23
CA HIS B 231 20.36 25.72 -5.83
C HIS B 231 20.09 25.40 -4.38
N ALA B 232 21.00 24.68 -3.74
CA ALA B 232 20.85 24.33 -2.37
C ALA B 232 21.49 25.40 -1.48
N ASN B 233 22.12 26.41 -2.08
CA ASN B 233 22.84 27.40 -1.29
C ASN B 233 22.00 28.21 -0.33
N LYS B 234 20.73 28.41 -0.61
CA LYS B 234 19.88 29.18 0.27
C LYS B 234 19.03 28.32 1.20
N LEU B 235 19.23 27.02 1.20
CA LEU B 235 18.39 26.20 2.04
C LEU B 235 18.82 26.27 3.49
N PRO B 236 17.89 26.13 4.43
CA PRO B 236 18.12 26.08 5.86
C PRO B 236 18.85 24.82 6.26
N LEU B 237 18.93 23.85 5.35
CA LEU B 237 19.57 22.58 5.60
C LEU B 237 21.01 22.62 5.15
N LYS B 238 21.45 23.76 4.67
CA LYS B 238 22.81 23.90 4.17
C LYS B 238 23.87 23.70 5.24
N ASP B 239 23.61 24.13 6.47
CA ASP B 239 24.63 24.01 7.51
C ASP B 239 24.64 22.67 8.22
N SER B 240 23.49 22.03 8.40
CA SER B 240 23.49 20.76 9.10
C SER B 240 22.38 19.83 8.66
N PHE B 241 22.75 18.64 8.22
CA PHE B 241 21.84 17.60 7.78
C PHE B 241 22.38 16.29 8.28
N THR B 242 21.93 15.88 9.45
CA THR B 242 22.51 14.69 10.06
C THR B 242 21.74 13.48 9.65
N TYR B 243 22.30 12.31 9.87
CA TYR B 243 21.59 11.07 9.59
C TYR B 243 20.31 11.06 10.34
N GLU B 244 20.38 11.48 11.59
CA GLU B 244 19.24 11.51 12.47
C GLU B 244 18.13 12.39 11.93
N ASP B 245 18.52 13.51 11.31
CA ASP B 245 17.50 14.44 10.74
C ASP B 245 16.77 13.72 9.60
N TYR B 246 17.51 13.04 8.73
CA TYR B 246 16.90 12.39 7.60
C TYR B 246 16.04 11.26 8.08
N ARG B 247 16.57 10.43 8.95
CA ARG B 247 15.81 9.32 9.47
C ARG B 247 14.56 9.80 10.10
N TRP B 248 14.64 10.87 10.86
CA TRP B 248 13.45 11.37 11.47
C TRP B 248 12.45 11.80 10.43
N ALA B 249 12.90 12.59 9.46
CA ALA B 249 11.95 13.07 8.48
C ALA B 249 11.31 12.00 7.66
N VAL B 250 12.06 10.99 7.28
CA VAL B 250 11.46 9.97 6.48
C VAL B 250 10.44 9.23 7.28
N SER B 251 10.76 8.91 8.53
CA SER B 251 9.82 8.19 9.35
C SER B 251 8.59 9.02 9.59
N SER B 252 8.74 10.31 9.79
CA SER B 252 7.58 11.15 10.04
C SER B 252 6.66 11.16 8.86
N VAL B 253 7.19 11.06 7.65
CA VAL B 253 6.30 11.02 6.53
C VAL B 253 5.65 9.68 6.35
N MET B 254 6.42 8.60 6.39
CA MET B 254 5.80 7.33 6.08
C MET B 254 4.82 6.85 7.12
N THR B 255 4.94 7.29 8.36
CA THR B 255 3.97 6.85 9.35
C THR B 255 2.73 7.74 9.40
N ARG B 256 2.73 8.87 8.68
CA ARG B 256 1.64 9.85 8.80
C ARG B 256 0.92 10.20 7.52
N GLN B 257 1.56 10.04 6.39
CA GLN B 257 1.02 10.48 5.12
C GLN B 257 -0.25 9.83 4.66
N ASN B 258 -0.98 10.60 3.88
CA ASN B 258 -2.19 10.19 3.22
C ASN B 258 -2.12 10.72 1.80
N GLN B 259 -3.08 10.35 0.94
CA GLN B 259 -3.17 10.83 -0.43
C GLN B 259 -4.41 11.71 -0.61
N ILE B 260 -4.25 12.89 -1.20
CA ILE B 260 -5.32 13.80 -1.50
C ILE B 260 -5.24 14.16 -2.96
N PRO B 261 -6.31 14.60 -3.61
CA PRO B 261 -6.31 15.18 -4.93
C PRO B 261 -5.57 16.49 -4.86
N THR B 262 -5.02 16.88 -6.00
CA THR B 262 -4.39 18.17 -6.17
C THR B 262 -5.42 19.24 -6.23
N GLU B 263 -4.99 20.48 -6.15
CA GLU B 263 -5.96 21.57 -6.09
C GLU B 263 -6.99 21.58 -7.19
N ASP B 264 -6.61 21.26 -8.41
CA ASP B 264 -7.55 21.30 -9.51
C ASP B 264 -8.26 19.98 -9.80
N GLY B 265 -8.01 18.94 -9.00
CA GLY B 265 -8.49 17.57 -9.22
C GLY B 265 -7.83 16.82 -10.38
N SER B 266 -6.75 17.34 -10.98
CA SER B 266 -6.12 16.76 -12.18
C SER B 266 -5.22 15.57 -11.91
N ARG B 267 -4.63 15.48 -10.71
CA ARG B 267 -3.71 14.43 -10.27
C ARG B 267 -3.92 14.20 -8.77
N VAL B 268 -3.14 13.33 -8.15
CA VAL B 268 -3.18 13.09 -6.69
C VAL B 268 -1.79 13.13 -6.09
N THR B 269 -1.68 13.53 -4.82
CA THR B 269 -0.39 13.83 -4.21
C THR B 269 -0.35 13.47 -2.73
N LEU B 270 0.85 13.31 -2.18
CA LEU B 270 1.07 13.00 -0.77
C LEU B 270 0.87 14.23 0.11
N ALA B 271 0.33 14.00 1.29
CA ALA B 271 0.19 15.03 2.30
C ALA B 271 0.32 14.56 3.71
N LEU B 272 0.77 15.45 4.58
CA LEU B 272 0.77 15.20 6.00
C LEU B 272 -0.40 16.01 6.49
N ILE B 273 -1.23 15.44 7.35
CA ILE B 273 -2.41 16.16 7.78
C ILE B 273 -2.47 16.42 9.29
N PRO B 274 -2.11 17.61 9.76
CA PRO B 274 -2.12 18.00 11.11
C PRO B 274 -3.48 17.84 11.66
N LEU B 275 -3.54 17.38 12.90
CA LEU B 275 -4.74 17.18 13.68
C LEU B 275 -5.64 16.05 13.16
N TRP B 276 -5.12 15.25 12.23
CA TRP B 276 -5.78 14.04 11.74
C TRP B 276 -4.92 12.88 12.08
N ASP B 277 -3.63 13.07 11.94
CA ASP B 277 -2.69 12.00 12.19
C ASP B 277 -2.55 11.66 13.66
N MET B 278 -3.34 12.32 14.50
CA MET B 278 -3.42 12.04 15.92
C MET B 278 -4.50 10.98 16.22
N CYS B 279 -5.16 10.46 15.20
CA CYS B 279 -6.17 9.42 15.44
C CYS B 279 -5.47 8.06 15.47
N ASN B 280 -5.93 7.12 16.29
CA ASN B 280 -5.27 5.81 16.33
C ASN B 280 -5.91 4.84 15.36
N HIS B 281 -5.35 3.62 15.25
CA HIS B 281 -5.91 2.59 14.36
C HIS B 281 -6.75 1.50 15.00
N THR B 282 -7.84 1.17 14.32
CA THR B 282 -8.69 0.02 14.67
C THR B 282 -9.26 -0.64 13.42
N ASN B 283 -10.15 -1.60 13.59
CA ASN B 283 -10.73 -2.30 12.45
C ASN B 283 -12.01 -1.63 11.99
N GLY B 284 -12.24 -1.59 10.68
CA GLY B 284 -13.46 -0.98 10.20
C GLY B 284 -13.40 -0.58 8.73
N LEU B 285 -14.18 0.44 8.40
CA LEU B 285 -14.34 0.96 7.06
C LEU B 285 -13.51 2.20 6.92
N ILE B 286 -13.22 2.62 5.71
CA ILE B 286 -12.49 3.85 5.58
C ILE B 286 -13.45 4.99 5.83
N THR B 287 -13.09 5.87 6.76
CA THR B 287 -13.92 7.01 7.14
C THR B 287 -13.32 8.31 6.74
N THR B 288 -12.23 8.24 6.02
CA THR B 288 -11.51 9.43 5.65
C THR B 288 -11.59 9.64 4.17
N GLY B 289 -11.53 10.89 3.78
CA GLY B 289 -11.46 11.21 2.36
C GLY B 289 -11.35 12.70 2.20
N TYR B 290 -11.16 13.13 0.94
CA TYR B 290 -10.97 14.59 0.69
C TYR B 290 -12.18 15.19 -0.01
N ASN B 291 -12.63 16.35 0.48
CA ASN B 291 -13.75 17.04 -0.12
C ASN B 291 -13.24 18.14 -1.02
N LEU B 292 -13.19 17.88 -2.31
CA LEU B 292 -12.61 18.86 -3.20
C LEU B 292 -13.43 20.12 -3.30
N GLU B 293 -14.74 20.01 -3.26
CA GLU B 293 -15.57 21.19 -3.43
C GLU B 293 -15.27 22.29 -2.40
N ASP B 294 -15.03 21.91 -1.16
CA ASP B 294 -14.76 22.88 -0.09
C ASP B 294 -13.28 22.97 0.25
N ASP B 295 -12.46 22.38 -0.58
CA ASP B 295 -11.02 22.37 -0.41
C ASP B 295 -10.53 21.95 0.97
N ARG B 296 -11.03 20.83 1.51
CA ARG B 296 -10.57 20.41 2.84
C ARG B 296 -10.60 18.91 3.02
N CYS B 297 -9.80 18.39 3.93
CA CYS B 297 -9.81 16.97 4.23
C CYS B 297 -10.83 16.70 5.30
N GLU B 298 -11.59 15.61 5.19
CA GLU B 298 -12.61 15.31 6.19
C GLU B 298 -12.54 13.91 6.79
N CYS B 299 -13.03 13.77 8.00
CA CYS B 299 -13.17 12.48 8.65
C CYS B 299 -14.41 12.36 9.50
N VAL B 300 -15.06 11.20 9.39
CA VAL B 300 -16.24 10.98 10.18
C VAL B 300 -16.01 9.88 11.17
N ALA B 301 -16.81 9.84 12.20
CA ALA B 301 -16.65 8.82 13.20
C ALA B 301 -16.88 7.44 12.65
N LEU B 302 -16.00 6.51 13.03
CA LEU B 302 -16.16 5.09 12.59
C LEU B 302 -17.24 4.42 13.45
N GLN B 303 -17.30 4.73 14.74
CA GLN B 303 -18.22 4.08 15.63
C GLN B 303 -18.65 5.08 16.65
N ASP B 304 -19.78 4.83 17.33
CA ASP B 304 -20.21 5.73 18.44
C ASP B 304 -19.11 5.78 19.52
N PHE B 305 -18.76 6.98 20.00
CA PHE B 305 -17.78 7.11 21.08
C PHE B 305 -18.38 7.91 22.21
N ARG B 306 -18.33 7.41 23.41
CA ARG B 306 -18.80 8.19 24.53
C ARG B 306 -17.68 9.08 24.99
N ALA B 307 -18.00 10.19 25.60
CA ALA B 307 -16.95 11.03 26.12
C ALA B 307 -16.04 10.21 26.99
N GLY B 308 -14.74 10.40 26.81
CA GLY B 308 -13.70 9.66 27.52
C GLY B 308 -13.09 8.52 26.70
N GLU B 309 -13.72 8.13 25.61
CA GLU B 309 -13.18 7.07 24.76
C GLU B 309 -12.11 7.51 23.80
N GLN B 310 -11.25 6.59 23.44
CA GLN B 310 -10.23 6.85 22.45
C GLN B 310 -10.86 6.84 21.09
N ILE B 311 -10.47 7.79 20.26
CA ILE B 311 -10.99 7.88 18.91
C ILE B 311 -10.09 7.16 17.93
N TYR B 312 -10.69 6.31 17.13
CA TYR B 312 -9.93 5.57 16.17
C TYR B 312 -10.48 5.75 14.79
N ILE B 313 -9.61 5.56 13.83
CA ILE B 313 -9.99 5.55 12.44
C ILE B 313 -9.40 4.29 11.85
N PHE B 314 -9.84 3.92 10.68
CA PHE B 314 -9.27 2.75 10.04
C PHE B 314 -8.14 3.22 9.15
N TYR B 315 -6.92 2.71 9.36
CA TYR B 315 -5.83 3.14 8.50
C TYR B 315 -5.90 2.54 7.12
N GLY B 316 -6.44 1.34 6.99
CA GLY B 316 -6.48 0.67 5.68
C GLY B 316 -6.30 -0.83 5.78
N THR B 317 -6.58 -1.52 4.69
CA THR B 317 -6.49 -2.97 4.63
C THR B 317 -5.06 -3.42 4.43
N ARG B 318 -4.24 -3.18 5.41
CA ARG B 318 -2.83 -3.49 5.35
C ARG B 318 -2.49 -4.78 6.06
N SER B 319 -1.42 -5.44 5.60
CA SER B 319 -0.90 -6.67 6.19
C SER B 319 -0.13 -6.40 7.46
N ASN B 320 0.18 -7.44 8.22
CA ASN B 320 0.95 -7.13 9.39
C ASN B 320 2.35 -6.71 9.09
N ALA B 321 2.94 -7.24 8.03
CA ALA B 321 4.29 -6.82 7.75
C ALA B 321 4.29 -5.35 7.40
N GLU B 322 3.30 -4.89 6.64
CA GLU B 322 3.28 -3.49 6.31
C GLU B 322 3.07 -2.64 7.56
N PHE B 323 2.17 -3.06 8.43
CA PHE B 323 1.99 -2.23 9.59
C PHE B 323 3.26 -2.13 10.40
N VAL B 324 3.97 -3.23 10.59
CA VAL B 324 5.16 -3.10 11.37
C VAL B 324 6.25 -2.33 10.66
N ILE B 325 6.46 -2.61 9.39
CA ILE B 325 7.57 -1.99 8.69
C ILE B 325 7.35 -0.52 8.37
N HIS B 326 6.15 -0.16 7.92
CA HIS B 326 5.89 1.25 7.52
C HIS B 326 5.20 2.04 8.63
N SER B 327 4.26 1.43 9.38
CA SER B 327 3.56 2.25 10.37
C SER B 327 4.14 2.16 11.76
N GLY B 328 5.01 1.19 12.00
CA GLY B 328 5.67 1.07 13.29
C GLY B 328 4.90 0.36 14.37
N PHE B 329 3.93 -0.46 14.02
CA PHE B 329 3.25 -1.16 15.10
C PHE B 329 2.71 -2.47 14.66
N PHE B 330 2.50 -3.37 15.59
CA PHE B 330 1.92 -4.65 15.23
C PHE B 330 0.52 -4.73 15.71
N PHE B 331 -0.39 -4.86 14.79
CA PHE B 331 -1.79 -4.92 15.14
C PHE B 331 -2.13 -6.37 15.30
N ASP B 332 -2.75 -6.75 16.39
CA ASP B 332 -3.00 -8.15 16.64
C ASP B 332 -4.17 -8.76 15.89
N ASN B 333 -5.33 -8.18 15.96
CA ASN B 333 -6.47 -8.76 15.28
C ASN B 333 -6.50 -8.29 13.84
N ASN B 334 -5.49 -8.64 13.09
CA ASN B 334 -5.46 -8.17 11.74
C ASN B 334 -6.13 -9.16 10.84
N SER B 335 -7.38 -8.90 10.57
CA SER B 335 -8.21 -9.73 9.73
C SER B 335 -7.78 -9.72 8.28
N HIS B 336 -6.88 -8.82 7.93
CA HIS B 336 -6.40 -8.71 6.56
C HIS B 336 -4.98 -9.22 6.41
N ASP B 337 -4.49 -9.97 7.38
CA ASP B 337 -3.12 -10.44 7.25
C ASP B 337 -2.99 -11.55 6.22
N ARG B 338 -1.76 -11.70 5.71
CA ARG B 338 -1.43 -12.69 4.69
C ARG B 338 0.07 -12.91 4.54
N VAL B 339 0.43 -13.99 3.85
CA VAL B 339 1.82 -14.25 3.54
C VAL B 339 2.00 -14.33 2.04
N LYS B 340 3.23 -14.15 1.57
CA LYS B 340 3.51 -14.13 0.14
C LYS B 340 3.94 -15.49 -0.41
N ILE B 341 3.37 -15.89 -1.53
CA ILE B 341 3.83 -17.14 -2.11
C ILE B 341 4.12 -16.94 -3.60
N LYS B 342 5.26 -17.41 -4.08
CA LYS B 342 5.56 -17.23 -5.50
C LYS B 342 5.34 -18.51 -6.28
N LEU B 343 4.56 -18.40 -7.35
CA LEU B 343 4.22 -19.54 -8.19
C LEU B 343 4.40 -19.21 -9.66
N GLY B 344 4.58 -20.23 -10.48
CA GLY B 344 4.58 -19.98 -11.92
C GLY B 344 4.72 -21.25 -12.71
N VAL B 345 4.43 -21.16 -13.99
CA VAL B 345 4.50 -22.33 -14.83
C VAL B 345 5.90 -22.46 -15.39
N SER B 346 6.49 -23.63 -15.21
CA SER B 346 7.85 -23.82 -15.67
C SER B 346 7.97 -23.79 -17.18
N LYS B 347 9.01 -23.16 -17.65
CA LYS B 347 9.29 -23.08 -19.07
C LYS B 347 9.79 -24.42 -19.60
N SER B 348 10.14 -25.31 -18.69
CA SER B 348 10.65 -26.62 -19.03
C SER B 348 9.51 -27.60 -19.30
N ASP B 349 8.27 -27.15 -19.07
CA ASP B 349 7.12 -28.01 -19.26
C ASP B 349 6.88 -28.26 -20.74
N ARG B 350 6.17 -29.35 -21.03
CA ARG B 350 5.86 -29.78 -22.38
C ARG B 350 4.63 -29.05 -22.87
N LEU B 351 3.79 -28.73 -21.93
CA LEU B 351 2.53 -28.09 -22.20
C LEU B 351 2.60 -26.63 -21.86
N TYR B 352 3.82 -26.12 -21.71
CA TYR B 352 3.98 -24.73 -21.33
C TYR B 352 3.22 -23.78 -22.21
N ALA B 353 3.38 -23.91 -23.51
CA ALA B 353 2.72 -22.96 -24.38
C ALA B 353 1.22 -23.01 -24.27
N MET B 354 0.68 -24.21 -24.06
CA MET B 354 -0.76 -24.34 -24.01
C MET B 354 -1.29 -23.78 -22.71
N LYS B 355 -0.57 -24.02 -21.62
CA LYS B 355 -0.98 -23.50 -20.34
C LYS B 355 -0.91 -21.99 -20.39
N ALA B 356 0.14 -21.48 -21.01
CA ALA B 356 0.34 -20.07 -21.10
C ALA B 356 -0.78 -19.43 -21.86
N GLU B 357 -1.27 -20.08 -22.92
CA GLU B 357 -2.37 -19.52 -23.67
C GLU B 357 -3.64 -19.50 -22.86
N VAL B 358 -3.92 -20.56 -22.10
CA VAL B 358 -5.13 -20.53 -21.32
C VAL B 358 -5.04 -19.41 -20.30
N LEU B 359 -3.90 -19.28 -19.64
CA LEU B 359 -3.80 -18.26 -18.64
C LEU B 359 -3.90 -16.90 -19.26
N ALA B 360 -3.28 -16.70 -20.42
CA ALA B 360 -3.38 -15.40 -21.03
C ALA B 360 -4.81 -15.05 -21.37
N ARG B 361 -5.58 -16.01 -21.84
CA ARG B 361 -6.97 -15.74 -22.20
C ARG B 361 -7.76 -15.33 -20.98
N ALA B 362 -7.41 -15.91 -19.85
CA ALA B 362 -8.05 -15.62 -18.59
C ALA B 362 -7.55 -14.32 -17.96
N GLY B 363 -6.55 -13.68 -18.56
CA GLY B 363 -5.96 -12.48 -17.97
C GLY B 363 -5.01 -12.77 -16.81
N ILE B 364 -4.42 -13.96 -16.78
CA ILE B 364 -3.54 -14.35 -15.69
C ILE B 364 -2.11 -14.51 -16.20
N PRO B 365 -1.10 -13.92 -15.56
CA PRO B 365 0.28 -14.01 -15.95
C PRO B 365 0.82 -15.40 -15.72
N THR B 366 1.84 -15.76 -16.48
CA THR B 366 2.52 -17.05 -16.39
C THR B 366 3.10 -17.28 -15.01
N SER B 367 3.64 -16.23 -14.42
CA SER B 367 4.21 -16.31 -13.09
C SER B 367 3.94 -15.02 -12.36
N SER B 368 3.71 -15.14 -11.06
CA SER B 368 3.44 -14.00 -10.22
C SER B 368 3.47 -14.35 -8.74
N VAL B 369 3.38 -13.32 -7.91
CA VAL B 369 3.29 -13.53 -6.49
C VAL B 369 1.84 -13.43 -6.07
N PHE B 370 1.42 -14.45 -5.38
CA PHE B 370 0.07 -14.66 -4.92
C PHE B 370 0.11 -14.62 -3.41
N ALA B 371 -1.03 -14.78 -2.76
CA ALA B 371 -0.97 -14.74 -1.32
C ALA B 371 -1.87 -15.75 -0.68
N LEU B 372 -1.44 -16.21 0.47
CA LEU B 372 -2.22 -17.14 1.27
C LEU B 372 -2.72 -16.31 2.41
N HIS B 373 -4.05 -16.32 2.57
CA HIS B 373 -4.67 -15.40 3.55
C HIS B 373 -4.98 -16.03 4.90
N PHE B 374 -4.96 -15.21 5.93
CA PHE B 374 -5.29 -15.59 7.29
C PHE B 374 -6.73 -16.04 7.41
N THR B 375 -7.63 -15.24 6.86
CA THR B 375 -9.04 -15.53 6.96
C THR B 375 -9.47 -16.51 5.92
N GLU B 376 -10.65 -17.06 6.10
CA GLU B 376 -11.27 -18.00 5.19
C GLU B 376 -11.93 -17.26 4.01
N PRO B 377 -11.78 -17.72 2.76
CA PRO B 377 -10.99 -18.82 2.23
C PRO B 377 -9.54 -18.45 2.24
N PRO B 378 -8.62 -19.40 2.34
CA PRO B 378 -7.20 -19.18 2.28
C PRO B 378 -6.65 -18.73 0.95
N ILE B 379 -7.37 -18.98 -0.15
CA ILE B 379 -6.81 -18.57 -1.43
C ILE B 379 -7.79 -17.74 -2.23
N SER B 380 -7.25 -16.88 -3.09
CA SER B 380 -8.04 -16.08 -3.99
C SER B 380 -8.46 -16.86 -5.19
N ALA B 381 -9.46 -16.37 -5.91
CA ALA B 381 -9.87 -17.00 -7.14
C ALA B 381 -8.76 -17.01 -8.15
N GLN B 382 -7.93 -15.98 -8.18
CA GLN B 382 -6.88 -15.98 -9.17
C GLN B 382 -5.92 -17.12 -8.93
N LEU B 383 -5.59 -17.41 -7.67
CA LEU B 383 -4.67 -18.48 -7.41
C LEU B 383 -5.31 -19.80 -7.72
N LEU B 384 -6.59 -19.94 -7.39
CA LEU B 384 -7.23 -21.18 -7.70
C LEU B 384 -7.24 -21.42 -9.18
N ALA B 385 -7.60 -20.40 -9.96
CA ALA B 385 -7.63 -20.56 -11.40
C ALA B 385 -6.25 -20.85 -11.92
N PHE B 386 -5.25 -20.19 -11.35
CA PHE B 386 -3.89 -20.42 -11.77
C PHE B 386 -3.53 -21.85 -11.56
N LEU B 387 -3.78 -22.35 -10.36
CA LEU B 387 -3.44 -23.71 -10.07
C LEU B 387 -4.24 -24.70 -10.89
N ARG B 388 -5.51 -24.42 -11.15
CA ARG B 388 -6.23 -25.37 -11.97
C ARG B 388 -5.55 -25.57 -13.29
N VAL B 389 -5.00 -24.50 -13.87
CA VAL B 389 -4.26 -24.66 -15.10
C VAL B 389 -2.90 -25.30 -14.83
N PHE B 390 -2.23 -24.84 -13.76
CA PHE B 390 -0.87 -25.34 -13.44
C PHE B 390 -0.82 -26.87 -13.47
N CYS B 391 -1.80 -27.54 -12.86
CA CYS B 391 -1.84 -29.00 -12.80
C CYS B 391 -2.55 -29.70 -13.97
N MET B 392 -3.07 -28.94 -14.92
CA MET B 392 -3.88 -29.44 -16.03
C MET B 392 -3.07 -30.21 -17.08
N THR B 393 -3.67 -31.27 -17.63
CA THR B 393 -3.03 -32.11 -18.64
C THR B 393 -3.37 -31.68 -20.05
N GLU B 394 -2.87 -32.40 -21.04
CA GLU B 394 -3.00 -31.96 -22.42
C GLU B 394 -4.42 -31.97 -22.92
N GLU B 395 -5.16 -33.01 -22.59
CA GLU B 395 -6.51 -33.12 -23.09
C GLU B 395 -7.38 -32.03 -22.52
N GLU B 396 -7.18 -31.75 -21.24
CA GLU B 396 -7.95 -30.74 -20.57
C GLU B 396 -7.65 -29.35 -21.15
N LEU B 397 -6.38 -29.12 -21.51
CA LEU B 397 -6.02 -27.86 -22.10
C LEU B 397 -6.68 -27.72 -23.45
N LYS B 398 -6.73 -28.79 -24.24
CA LYS B 398 -7.40 -28.69 -25.54
C LYS B 398 -8.86 -28.32 -25.36
N GLU B 399 -9.52 -28.88 -24.36
CA GLU B 399 -10.93 -28.54 -24.10
C GLU B 399 -11.08 -27.05 -23.81
N HIS B 400 -10.10 -26.47 -23.14
CA HIS B 400 -10.12 -25.05 -22.80
C HIS B 400 -9.53 -24.15 -23.87
N LEU B 401 -9.11 -24.71 -25.00
CA LEU B 401 -8.54 -23.89 -26.07
C LEU B 401 -9.29 -23.97 -27.38
N LEU B 402 -9.73 -25.17 -27.73
CA LEU B 402 -10.36 -25.44 -29.00
C LEU B 402 -11.87 -25.51 -28.91
N GLY B 403 -12.54 -24.63 -29.65
CA GLY B 403 -14.00 -24.57 -29.67
C GLY B 403 -14.48 -23.29 -29.05
N ASP B 404 -15.66 -22.81 -29.45
CA ASP B 404 -16.15 -21.49 -28.92
C ASP B 404 -16.45 -21.65 -27.43
N SER B 405 -16.91 -22.82 -27.00
CA SER B 405 -17.27 -23.13 -25.63
C SER B 405 -16.06 -23.05 -24.73
N ALA B 406 -14.87 -23.04 -25.31
CA ALA B 406 -13.65 -22.97 -24.58
C ALA B 406 -13.61 -21.71 -23.75
N ILE B 407 -14.16 -20.61 -24.27
CA ILE B 407 -14.03 -19.40 -23.50
C ILE B 407 -14.87 -19.48 -22.24
N ASP B 408 -15.99 -20.16 -22.31
CA ASP B 408 -16.86 -20.26 -21.16
C ASP B 408 -16.19 -21.15 -20.15
N ARG B 409 -15.50 -22.18 -20.62
CA ARG B 409 -14.82 -23.06 -19.70
C ARG B 409 -13.72 -22.29 -18.99
N ILE B 410 -13.01 -21.44 -19.74
CA ILE B 410 -11.89 -20.65 -19.15
C ILE B 410 -12.44 -19.72 -18.05
N PHE B 411 -13.61 -19.13 -18.26
CA PHE B 411 -14.12 -18.15 -17.25
C PHE B 411 -14.87 -18.85 -16.10
N THR B 412 -14.76 -20.18 -15.99
CA THR B 412 -15.29 -20.85 -14.82
C THR B 412 -14.10 -21.36 -14.02
N LEU B 413 -12.88 -21.09 -14.47
CA LEU B 413 -11.71 -21.58 -13.76
C LEU B 413 -11.56 -21.04 -12.36
N GLY B 414 -12.01 -19.83 -12.10
CA GLY B 414 -11.89 -19.28 -10.76
C GLY B 414 -13.13 -19.58 -9.92
N ASN B 415 -14.05 -20.38 -10.46
CA ASN B 415 -15.29 -20.69 -9.78
C ASN B 415 -15.14 -22.01 -9.04
N SER B 416 -15.16 -21.96 -7.73
CA SER B 416 -14.92 -23.14 -6.91
C SER B 416 -15.92 -24.27 -7.11
N GLU B 417 -17.08 -23.99 -7.70
CA GLU B 417 -18.10 -24.99 -7.93
C GLU B 417 -17.94 -25.73 -9.25
N PHE B 418 -16.93 -25.36 -10.01
CA PHE B 418 -16.65 -25.94 -11.32
C PHE B 418 -15.26 -26.54 -11.45
N PRO B 419 -15.01 -27.71 -10.86
CA PRO B 419 -13.74 -28.37 -10.89
C PRO B 419 -13.57 -28.84 -12.30
N VAL B 420 -12.34 -28.95 -12.75
CA VAL B 420 -12.08 -29.45 -14.08
C VAL B 420 -12.36 -30.93 -14.15
N SER B 421 -11.87 -31.60 -13.14
CA SER B 421 -11.91 -33.04 -12.98
C SER B 421 -11.63 -33.33 -11.54
N TRP B 422 -12.14 -34.43 -11.02
CA TRP B 422 -11.82 -34.78 -9.64
C TRP B 422 -10.32 -34.94 -9.52
N ASP B 423 -9.70 -35.35 -10.60
CA ASP B 423 -8.28 -35.60 -10.63
C ASP B 423 -7.50 -34.31 -10.53
N ASN B 424 -8.03 -33.23 -11.07
CA ASN B 424 -7.26 -32.02 -11.11
C ASN B 424 -7.37 -31.39 -9.75
N GLU B 425 -8.51 -31.54 -9.09
CA GLU B 425 -8.66 -30.95 -7.78
C GLU B 425 -7.77 -31.67 -6.81
N VAL B 426 -7.67 -32.97 -6.93
CA VAL B 426 -6.80 -33.66 -6.03
C VAL B 426 -5.36 -33.25 -6.29
N LYS B 427 -4.94 -33.17 -7.54
CA LYS B 427 -3.56 -32.76 -7.78
C LYS B 427 -3.30 -31.35 -7.30
N LEU B 428 -4.27 -30.47 -7.50
CA LEU B 428 -4.16 -29.10 -7.09
C LEU B 428 -3.97 -28.93 -5.62
N TRP B 429 -4.83 -29.57 -4.83
CA TRP B 429 -4.75 -29.43 -3.35
C TRP B 429 -3.53 -30.18 -2.82
N THR B 430 -3.11 -31.25 -3.49
CA THR B 430 -1.93 -31.95 -3.04
C THR B 430 -0.74 -31.03 -3.23
N PHE B 431 -0.68 -30.38 -4.38
CA PHE B 431 0.40 -29.48 -4.66
C PHE B 431 0.48 -28.38 -3.64
N LEU B 432 -0.64 -27.73 -3.39
CA LEU B 432 -0.63 -26.64 -2.44
C LEU B 432 -0.33 -27.11 -1.04
N GLU B 433 -0.86 -28.27 -0.63
CA GLU B 433 -0.58 -28.76 0.71
C GLU B 433 0.90 -28.88 0.87
N ASP B 434 1.58 -29.43 -0.13
CA ASP B 434 3.00 -29.57 0.00
C ASP B 434 3.74 -28.25 -0.05
N ARG B 435 3.32 -27.31 -0.89
CA ARG B 435 4.08 -26.07 -0.91
C ARG B 435 3.98 -25.33 0.41
N ALA B 436 2.78 -25.29 0.99
CA ALA B 436 2.64 -24.57 2.22
C ALA B 436 3.45 -25.24 3.32
N SER B 437 3.48 -26.57 3.35
CA SER B 437 4.28 -27.23 4.37
C SER B 437 5.75 -26.97 4.18
N LEU B 438 6.22 -26.95 2.94
CA LEU B 438 7.63 -26.72 2.72
C LEU B 438 8.04 -25.35 3.19
N LEU B 439 7.21 -24.36 2.98
CA LEU B 439 7.57 -23.03 3.44
C LEU B 439 7.60 -22.97 4.95
N LEU B 440 6.67 -23.66 5.60
CA LEU B 440 6.62 -23.65 7.04
C LEU B 440 7.88 -24.27 7.63
N LYS B 441 8.44 -25.24 6.94
CA LYS B 441 9.64 -25.90 7.41
C LYS B 441 10.91 -25.05 7.33
N THR B 442 10.85 -23.86 6.74
CA THR B 442 12.06 -23.06 6.62
C THR B 442 12.28 -22.14 7.80
N TYR B 443 11.33 -22.10 8.74
CA TYR B 443 11.47 -21.21 9.87
C TYR B 443 12.37 -21.83 10.93
N LYS B 444 13.07 -20.99 11.67
CA LYS B 444 13.99 -21.46 12.69
C LYS B 444 13.34 -21.96 13.96
N THR B 445 12.18 -21.44 14.29
CA THR B 445 11.49 -21.82 15.51
C THR B 445 10.10 -22.32 15.21
N THR B 446 9.47 -22.95 16.20
CA THR B 446 8.10 -23.39 15.97
C THR B 446 7.11 -22.56 16.77
N ILE B 447 5.84 -22.87 16.60
CA ILE B 447 4.78 -22.09 17.21
C ILE B 447 4.76 -22.14 18.72
N GLU B 448 4.88 -23.29 19.32
CA GLU B 448 4.86 -23.36 20.76
C GLU B 448 6.02 -22.59 21.36
N GLU B 449 7.18 -22.65 20.72
CA GLU B 449 8.33 -21.94 21.24
C GLU B 449 8.15 -20.44 21.21
N ASP B 450 7.54 -19.92 20.14
CA ASP B 450 7.38 -18.49 20.12
C ASP B 450 6.35 -18.03 21.12
N LYS B 451 5.28 -18.82 21.30
CA LYS B 451 4.28 -18.41 22.28
C LYS B 451 4.88 -18.40 23.66
N SER B 452 5.73 -19.38 23.96
CA SER B 452 6.38 -19.45 25.25
C SER B 452 7.24 -18.24 25.49
N VAL B 453 8.00 -17.82 24.48
CA VAL B 453 8.84 -16.65 24.66
C VAL B 453 8.03 -15.41 24.91
N LEU B 454 6.98 -15.20 24.14
CA LEU B 454 6.21 -14.00 24.36
C LEU B 454 5.62 -13.95 25.74
N LYS B 455 5.15 -15.07 26.24
CA LYS B 455 4.57 -15.08 27.56
C LYS B 455 5.60 -14.93 28.68
N ASN B 456 6.73 -15.62 28.57
CA ASN B 456 7.71 -15.64 29.64
C ASN B 456 8.73 -14.51 29.70
N HIS B 457 9.12 -13.91 28.59
CA HIS B 457 10.15 -12.90 28.68
C HIS B 457 9.67 -11.47 28.78
N ASP B 458 10.40 -10.70 29.58
CA ASP B 458 10.12 -9.28 29.71
C ASP B 458 10.86 -8.56 28.58
N LEU B 459 10.29 -8.70 27.41
CA LEU B 459 10.80 -8.20 26.15
C LEU B 459 10.57 -6.72 25.95
N SER B 460 11.44 -6.10 25.17
CA SER B 460 11.27 -4.72 24.77
C SER B 460 10.09 -4.66 23.82
N VAL B 461 9.53 -3.48 23.59
CA VAL B 461 8.41 -3.43 22.68
C VAL B 461 8.82 -3.81 21.27
N ARG B 462 9.99 -3.39 20.85
CA ARG B 462 10.38 -3.68 19.50
C ARG B 462 10.62 -5.17 19.33
N ALA B 463 11.18 -5.81 20.35
CA ALA B 463 11.37 -7.25 20.27
C ALA B 463 10.02 -7.95 20.19
N LYS B 464 9.04 -7.45 20.94
CA LYS B 464 7.75 -8.08 20.90
C LYS B 464 7.19 -8.01 19.52
N MET B 465 7.34 -6.88 18.84
CA MET B 465 6.80 -6.86 17.51
C MET B 465 7.48 -7.87 16.63
N ALA B 466 8.79 -7.95 16.69
CA ALA B 466 9.45 -8.87 15.79
C ALA B 466 8.98 -10.28 16.00
N ILE B 467 8.78 -10.66 17.24
CA ILE B 467 8.34 -12.01 17.51
C ILE B 467 6.91 -12.20 17.10
N LYS B 468 6.02 -11.27 17.42
CA LYS B 468 4.64 -11.45 17.05
C LYS B 468 4.48 -11.55 15.56
N LEU B 469 5.26 -10.78 14.82
CA LEU B 469 5.16 -10.83 13.38
C LEU B 469 5.63 -12.18 12.87
N ARG B 470 6.74 -12.68 13.43
CA ARG B 470 7.26 -13.99 13.06
C ARG B 470 6.22 -15.08 13.29
N LEU B 471 5.55 -15.00 14.42
CA LEU B 471 4.56 -15.98 14.75
C LEU B 471 3.39 -15.89 13.80
N GLY B 472 2.92 -14.70 13.49
CA GLY B 472 1.78 -14.63 12.60
C GLY B 472 2.06 -15.29 11.26
N GLU B 473 3.28 -15.18 10.73
CA GLU B 473 3.52 -15.81 9.44
C GLU B 473 3.38 -17.33 9.57
N LYS B 474 3.85 -17.90 10.67
CA LYS B 474 3.73 -19.35 10.79
C LYS B 474 2.30 -19.79 10.96
N GLU B 475 1.53 -19.05 11.73
CA GLU B 475 0.16 -19.45 11.94
C GLU B 475 -0.63 -19.46 10.63
N ILE B 476 -0.37 -18.51 9.75
CA ILE B 476 -1.09 -18.49 8.49
C ILE B 476 -0.74 -19.71 7.66
N LEU B 477 0.54 -20.04 7.58
CA LEU B 477 0.90 -21.21 6.79
C LEU B 477 0.35 -22.48 7.38
N GLU B 478 0.34 -22.63 8.70
CA GLU B 478 -0.19 -23.86 9.24
C GLU B 478 -1.64 -24.01 8.84
N LYS B 479 -2.41 -22.93 8.89
CA LYS B 479 -3.80 -23.05 8.51
C LYS B 479 -3.93 -23.47 7.06
N ALA B 480 -3.08 -22.92 6.20
CA ALA B 480 -3.15 -23.25 4.79
C ALA B 480 -2.94 -24.73 4.57
N VAL B 481 -2.04 -25.34 5.33
CA VAL B 481 -1.79 -26.75 5.15
C VAL B 481 -2.98 -27.55 5.57
N LYS B 482 -3.55 -27.23 6.71
CA LYS B 482 -4.67 -28.01 7.16
C LYS B 482 -5.83 -27.92 6.21
N SER B 483 -6.12 -26.74 5.69
CA SER B 483 -7.25 -26.65 4.80
C SER B 483 -6.99 -27.39 3.51
N ALA B 484 -5.77 -27.30 2.98
CA ALA B 484 -5.51 -28.02 1.75
C ALA B 484 -5.65 -29.50 1.95
N ALA B 485 -5.20 -30.00 3.11
CA ALA B 485 -5.28 -31.42 3.36
C ALA B 485 -6.72 -31.89 3.37
N VAL B 486 -7.60 -31.08 3.94
CA VAL B 486 -8.99 -31.47 3.97
C VAL B 486 -9.57 -31.50 2.59
N ASN B 487 -9.30 -30.48 1.79
CA ASN B 487 -9.90 -30.51 0.48
C ASN B 487 -9.41 -31.67 -0.33
N ARG B 488 -8.11 -31.99 -0.19
CA ARG B 488 -7.54 -33.16 -0.92
C ARG B 488 -8.33 -34.43 -0.58
N GLU B 489 -8.62 -34.67 0.70
CA GLU B 489 -9.36 -35.84 1.09
C GLU B 489 -10.78 -35.78 0.57
N TYR B 490 -11.41 -34.61 0.66
CA TYR B 490 -12.76 -34.49 0.16
C TYR B 490 -12.89 -34.84 -1.30
N TYR B 491 -12.02 -34.27 -2.12
CA TYR B 491 -12.17 -34.51 -3.53
C TYR B 491 -11.79 -35.91 -3.88
N ARG B 492 -10.82 -36.49 -3.20
CA ARG B 492 -10.51 -37.87 -3.52
C ARG B 492 -11.71 -38.74 -3.22
N GLN B 493 -12.39 -38.50 -2.10
CA GLN B 493 -13.56 -39.32 -1.78
C GLN B 493 -14.63 -39.19 -2.84
N GLN B 494 -14.79 -38.00 -3.41
CA GLN B 494 -15.78 -37.83 -4.47
C GLN B 494 -15.38 -38.63 -5.70
N MET B 495 -14.07 -38.70 -5.96
CA MET B 495 -13.54 -39.43 -7.09
C MET B 495 -13.93 -40.89 -7.04
N GLU B 496 -13.92 -41.43 -5.84
CA GLU B 496 -14.27 -42.84 -5.63
C GLU B 496 -15.75 -43.20 -5.90
N GLU B 497 -16.67 -42.21 -5.94
CA GLU B 497 -18.11 -42.38 -6.10
C GLU B 497 -18.47 -42.14 -7.56
ZN ZN C . 1.48 4.69 -9.22
N SAH D . 0.50 8.20 18.84
CA SAH D . 0.74 8.91 17.57
CB SAH D . -0.60 9.35 16.87
CG SAH D . -1.14 8.35 15.79
SD SAH D . -0.01 8.24 14.35
C SAH D . 1.64 10.06 17.92
O SAH D . 2.33 9.97 18.91
OXT SAH D . 1.69 11.06 17.20
C5' SAH D . 0.38 6.47 14.12
C4' SAH D . 1.20 5.89 15.30
O4' SAH D . 0.29 5.62 16.38
C3' SAH D . 1.90 4.56 14.97
O3' SAH D . 3.27 4.81 14.60
C2' SAH D . 1.81 3.79 16.32
O2' SAH D . 2.91 4.10 17.18
C1' SAH D . 0.47 4.28 16.92
N9 SAH D . -0.71 3.41 16.61
C8 SAH D . -1.90 3.84 16.06
N7 SAH D . -2.87 2.99 16.30
C5 SAH D . -2.39 1.94 17.00
C6 SAH D . -2.95 0.71 17.56
N6 SAH D . -4.27 0.39 17.54
N1 SAH D . -2.11 -0.17 18.19
C2 SAH D . -0.76 0.07 18.31
N3 SAH D . -0.21 1.23 17.83
C4 SAH D . -0.97 2.18 17.18
#